data_1IPI
#
_entry.id   1IPI
#
_cell.length_a   59.969
_cell.length_b   59.969
_cell.length_c   134.554
_cell.angle_alpha   90.00
_cell.angle_beta   90.00
_cell.angle_gamma   120.00
#
_symmetry.space_group_name_H-M   'P 65'
#
loop_
_entity.id
_entity.type
_entity.pdbx_description
1 polymer 'HOLLIDAY JUNCTION RESOLVASE'
2 water water
#
_entity_poly.entity_id   1
_entity_poly.type   'polypeptide(L)'
_entity_poly.pdbx_seq_one_letter_code
;MYRKGAQAERELIKLLEKHGFAVVRSAGSKKVDLVAGNGKKYLCIEVKVTKKDHLYVGKRDMGRLIEFSRRFGGIPVLAV
KFLNVGWRFIEVSPKIEKFVFTPSSGVSLEVLLGIQKTLEGKS
;
_entity_poly.pdbx_strand_id   A,B
#
# COMPACT_ATOMS: atom_id res chain seq x y z
N MET A 1 -16.43 -10.67 0.39
CA MET A 1 -15.37 -9.69 0.01
C MET A 1 -14.20 -9.65 0.98
N TYR A 2 -14.38 -10.23 2.16
CA TYR A 2 -13.33 -10.23 3.18
C TYR A 2 -12.58 -11.56 3.14
N ARG A 3 -11.25 -11.50 3.23
CA ARG A 3 -10.45 -12.70 3.14
C ARG A 3 -10.21 -13.44 4.46
N LYS A 4 -9.93 -14.73 4.34
CA LYS A 4 -9.65 -15.55 5.49
C LYS A 4 -8.33 -15.00 6.02
N GLY A 5 -8.10 -15.09 7.31
CA GLY A 5 -6.85 -14.57 7.84
C GLY A 5 -6.73 -13.06 7.91
N ALA A 6 -7.85 -12.36 7.88
CA ALA A 6 -7.84 -10.89 7.99
C ALA A 6 -7.32 -10.54 9.39
N GLN A 7 -7.62 -11.41 10.35
CA GLN A 7 -7.19 -11.23 11.73
C GLN A 7 -5.65 -11.30 11.82
N ALA A 8 -5.07 -12.25 11.09
CA ALA A 8 -3.62 -12.41 11.08
C ALA A 8 -2.96 -11.21 10.40
N GLU A 9 -3.64 -10.67 9.39
CA GLU A 9 -3.11 -9.52 8.65
C GLU A 9 -3.05 -8.28 9.54
N ARG A 10 -4.09 -8.09 10.35
CA ARG A 10 -4.15 -6.95 11.25
C ARG A 10 -3.03 -7.10 12.27
N GLU A 11 -2.84 -8.34 12.71
CA GLU A 11 -1.82 -8.67 13.69
C GLU A 11 -0.42 -8.35 13.16
N LEU A 12 -0.16 -8.71 11.91
CA LEU A 12 1.15 -8.46 11.33
C LEU A 12 1.37 -6.95 11.14
N ILE A 13 0.30 -6.22 10.83
CA ILE A 13 0.40 -4.78 10.65
C ILE A 13 0.92 -4.10 11.92
N LYS A 14 0.42 -4.53 13.08
CA LYS A 14 0.87 -3.96 14.34
C LYS A 14 2.36 -4.25 14.54
N LEU A 15 2.75 -5.51 14.36
CA LEU A 15 4.16 -5.89 14.51
C LEU A 15 5.07 -4.99 13.68
N LEU A 16 4.72 -4.80 12.41
CA LEU A 16 5.52 -3.96 11.52
C LEU A 16 5.60 -2.53 12.00
N GLU A 17 4.46 -2.00 12.42
CA GLU A 17 4.41 -0.64 12.92
C GLU A 17 5.33 -0.47 14.13
N LYS A 18 5.46 -1.52 14.93
CA LYS A 18 6.33 -1.45 16.09
C LYS A 18 7.76 -1.16 15.64
N HIS A 19 8.11 -1.58 14.42
CA HIS A 19 9.46 -1.37 13.91
C HIS A 19 9.66 -0.12 13.05
N GLY A 20 8.68 0.77 13.04
CA GLY A 20 8.81 2.00 12.27
C GLY A 20 8.21 2.02 10.88
N PHE A 21 7.51 0.96 10.51
CA PHE A 21 6.90 0.89 9.19
C PHE A 21 5.47 1.43 9.12
N ALA A 22 5.14 2.02 7.98
CA ALA A 22 3.80 2.53 7.71
C ALA A 22 3.26 1.39 6.84
N VAL A 23 2.03 0.95 7.09
CA VAL A 23 1.49 -0.20 6.35
C VAL A 23 0.01 -0.11 6.03
N VAL A 24 -0.38 -0.61 4.85
CA VAL A 24 -1.81 -0.65 4.47
C VAL A 24 -2.19 -2.07 4.07
N ARG A 25 -3.47 -2.40 4.23
CA ARG A 25 -3.97 -3.71 3.85
C ARG A 25 -4.79 -3.50 2.55
N SER A 26 -4.63 -4.38 1.57
CA SER A 26 -5.32 -4.25 0.26
C SER A 26 -6.79 -4.62 0.26
N ALA A 27 -7.62 -3.78 -0.36
CA ALA A 27 -9.07 -4.03 -0.42
C ALA A 27 -9.35 -5.20 -1.36
N GLY A 28 -8.79 -5.12 -2.55
CA GLY A 28 -8.97 -6.19 -3.51
C GLY A 28 -8.03 -7.31 -3.12
N SER A 29 -8.24 -8.50 -3.66
CA SER A 29 -7.38 -9.63 -3.34
C SER A 29 -6.57 -10.09 -4.54
N LYS A 30 -6.41 -9.21 -5.53
CA LYS A 30 -5.67 -9.54 -6.74
C LYS A 30 -4.21 -9.08 -6.77
N LYS A 31 -3.78 -8.31 -5.77
CA LYS A 31 -2.41 -7.81 -5.72
C LYS A 31 -1.62 -8.58 -4.65
N VAL A 32 -1.27 -7.88 -3.58
CA VAL A 32 -0.56 -8.46 -2.43
C VAL A 32 -1.43 -8.09 -1.24
N ASP A 33 -1.29 -8.81 -0.13
CA ASP A 33 -2.11 -8.54 1.04
C ASP A 33 -1.71 -7.25 1.78
N LEU A 34 -0.42 -7.05 1.99
CA LEU A 34 0.07 -5.86 2.69
C LEU A 34 1.17 -5.14 1.90
N VAL A 35 1.29 -3.83 2.10
CA VAL A 35 2.34 -3.04 1.45
C VAL A 35 2.87 -2.11 2.55
N ALA A 36 4.18 -2.21 2.80
CA ALA A 36 4.85 -1.45 3.86
C ALA A 36 6.06 -0.63 3.43
N GLY A 37 6.44 0.34 4.25
CA GLY A 37 7.58 1.20 3.95
C GLY A 37 8.06 1.90 5.20
N ASN A 38 9.37 2.16 5.31
CA ASN A 38 9.90 2.83 6.50
C ASN A 38 10.83 3.99 6.16
N GLY A 39 10.88 4.35 4.87
CA GLY A 39 11.73 5.44 4.46
C GLY A 39 12.99 4.99 3.73
N LYS A 40 13.31 3.70 3.80
CA LYS A 40 14.50 3.19 3.12
C LYS A 40 14.28 1.78 2.59
N LYS A 41 13.28 1.10 3.14
CA LYS A 41 12.95 -0.25 2.73
C LYS A 41 11.47 -0.33 2.41
N TYR A 42 11.11 -1.06 1.36
CA TYR A 42 9.71 -1.22 0.98
C TYR A 42 9.38 -2.71 0.85
N LEU A 43 8.29 -3.14 1.49
CA LEU A 43 7.87 -4.53 1.46
C LEU A 43 6.46 -4.76 0.89
N CYS A 44 6.32 -5.78 0.04
CA CYS A 44 5.04 -6.17 -0.56
C CYS A 44 4.89 -7.57 0.02
N ILE A 45 3.83 -7.78 0.81
CA ILE A 45 3.64 -9.04 1.52
C ILE A 45 2.41 -9.92 1.27
N GLU A 46 2.65 -11.23 1.23
CA GLU A 46 1.63 -12.26 1.01
C GLU A 46 1.47 -12.96 2.36
N VAL A 47 0.30 -12.83 2.98
CA VAL A 47 0.03 -13.42 4.29
C VAL A 47 -0.69 -14.76 4.27
N LYS A 48 -0.14 -15.71 5.03
CA LYS A 48 -0.68 -17.08 5.14
C LYS A 48 -0.77 -17.53 6.60
N VAL A 49 -1.74 -18.39 6.88
CA VAL A 49 -1.96 -18.92 8.23
C VAL A 49 -2.23 -20.42 8.16
N THR A 50 -1.58 -21.19 9.03
CA THR A 50 -1.75 -22.64 9.04
C THR A 50 -1.67 -23.24 10.44
N LYS A 51 -2.37 -24.36 10.63
CA LYS A 51 -2.39 -25.09 11.89
C LYS A 51 -1.38 -26.21 11.83
N LYS A 52 -0.80 -26.42 10.65
CA LYS A 52 0.19 -27.47 10.45
C LYS A 52 1.60 -26.93 10.74
N ASP A 53 2.60 -27.79 10.62
CA ASP A 53 3.98 -27.40 10.85
C ASP A 53 4.72 -27.19 9.51
N HIS A 54 3.95 -27.12 8.43
CA HIS A 54 4.51 -26.89 7.09
C HIS A 54 3.40 -26.40 6.15
N LEU A 55 3.77 -25.66 5.10
CA LEU A 55 2.77 -25.16 4.16
C LEU A 55 3.28 -25.06 2.72
N TYR A 56 2.57 -25.73 1.82
CA TYR A 56 2.89 -25.71 0.41
C TYR A 56 2.41 -24.37 -0.13
N VAL A 57 3.28 -23.67 -0.86
CA VAL A 57 2.93 -22.37 -1.43
C VAL A 57 3.00 -22.53 -2.95
N GLY A 58 1.89 -22.25 -3.63
CA GLY A 58 1.80 -22.43 -5.06
C GLY A 58 2.45 -21.42 -6.01
N LYS A 59 2.60 -21.86 -7.26
CA LYS A 59 3.20 -21.07 -8.33
C LYS A 59 2.44 -19.78 -8.63
N ARG A 60 1.12 -19.87 -8.64
CA ARG A 60 0.24 -18.74 -8.95
C ARG A 60 0.43 -17.57 -7.98
N ASP A 61 0.36 -17.86 -6.68
CA ASP A 61 0.54 -16.81 -5.68
C ASP A 61 1.94 -16.17 -5.74
N MET A 62 2.98 -16.99 -5.79
CA MET A 62 4.33 -16.47 -5.83
C MET A 62 4.60 -15.63 -7.09
N GLY A 63 4.05 -16.07 -8.23
CA GLY A 63 4.24 -15.31 -9.46
C GLY A 63 3.54 -13.96 -9.36
N ARG A 64 2.37 -13.96 -8.72
CA ARG A 64 1.59 -12.74 -8.51
C ARG A 64 2.39 -11.82 -7.60
N LEU A 65 2.91 -12.38 -6.52
CA LEU A 65 3.72 -11.63 -5.55
C LEU A 65 4.96 -10.99 -6.20
N ILE A 66 5.78 -11.82 -6.83
CA ILE A 66 7.00 -11.34 -7.48
C ILE A 66 6.76 -10.25 -8.52
N GLU A 67 5.77 -10.45 -9.38
CA GLU A 67 5.47 -9.47 -10.41
C GLU A 67 5.04 -8.12 -9.83
N PHE A 68 4.12 -8.14 -8.87
CA PHE A 68 3.66 -6.88 -8.28
C PHE A 68 4.80 -6.16 -7.57
N SER A 69 5.63 -6.91 -6.86
CA SER A 69 6.74 -6.34 -6.12
C SER A 69 7.76 -5.72 -7.08
N ARG A 70 7.96 -6.38 -8.22
CA ARG A 70 8.91 -5.86 -9.21
C ARG A 70 8.44 -4.51 -9.75
N ARG A 71 7.17 -4.42 -10.13
CA ARG A 71 6.66 -3.16 -10.64
C ARG A 71 6.63 -2.08 -9.57
N PHE A 72 6.15 -2.43 -8.38
CA PHE A 72 6.07 -1.46 -7.29
C PHE A 72 7.43 -1.00 -6.81
N GLY A 73 8.42 -1.89 -6.83
CA GLY A 73 9.73 -1.52 -6.36
C GLY A 73 9.83 -1.78 -4.87
N GLY A 74 9.47 -3.01 -4.48
CA GLY A 74 9.53 -3.42 -3.09
C GLY A 74 10.04 -4.85 -3.02
N ILE A 75 10.42 -5.28 -1.82
CA ILE A 75 10.92 -6.63 -1.62
C ILE A 75 9.75 -7.62 -1.49
N PRO A 76 9.71 -8.64 -2.36
CA PRO A 76 8.61 -9.62 -2.27
C PRO A 76 8.79 -10.47 -1.02
N VAL A 77 7.79 -10.48 -0.16
CA VAL A 77 7.87 -11.25 1.08
C VAL A 77 6.69 -12.17 1.35
N LEU A 78 6.98 -13.38 1.79
CA LEU A 78 5.95 -14.35 2.16
C LEU A 78 5.96 -14.38 3.68
N ALA A 79 4.80 -14.20 4.30
CA ALA A 79 4.71 -14.21 5.76
C ALA A 79 3.72 -15.28 6.19
N VAL A 80 4.19 -16.23 7.00
CA VAL A 80 3.34 -17.30 7.46
C VAL A 80 3.26 -17.41 8.96
N LYS A 81 2.03 -17.41 9.47
CA LYS A 81 1.78 -17.52 10.89
C LYS A 81 1.54 -18.99 11.18
N PHE A 82 2.53 -19.64 11.78
CA PHE A 82 2.40 -21.05 12.13
C PHE A 82 1.87 -21.09 13.55
N LEU A 83 0.62 -21.48 13.70
CA LEU A 83 0.01 -21.53 15.02
C LEU A 83 0.84 -22.41 15.95
N ASN A 84 0.97 -22.00 17.20
CA ASN A 84 1.74 -22.73 18.21
C ASN A 84 3.25 -22.62 18.01
N VAL A 85 3.69 -21.61 17.27
CA VAL A 85 5.12 -21.40 17.04
C VAL A 85 5.45 -19.97 16.65
N GLY A 86 4.54 -19.31 15.94
CA GLY A 86 4.79 -17.92 15.57
C GLY A 86 4.92 -17.62 14.09
N TRP A 87 5.29 -16.37 13.81
CA TRP A 87 5.48 -15.86 12.46
C TRP A 87 6.87 -16.19 11.91
N ARG A 88 6.93 -16.43 10.61
CA ARG A 88 8.18 -16.73 9.92
C ARG A 88 8.12 -16.02 8.58
N PHE A 89 9.27 -15.53 8.11
CA PHE A 89 9.34 -14.78 6.87
C PHE A 89 10.47 -15.23 5.95
N ILE A 90 10.30 -14.96 4.66
CA ILE A 90 11.32 -15.28 3.68
C ILE A 90 11.18 -14.33 2.49
N GLU A 91 12.29 -13.70 2.11
CA GLU A 91 12.28 -12.83 0.94
C GLU A 91 12.30 -13.81 -0.22
N VAL A 92 11.27 -13.78 -1.06
CA VAL A 92 11.20 -14.71 -2.19
C VAL A 92 11.98 -14.24 -3.41
N SER A 93 12.83 -15.11 -3.93
CA SER A 93 13.62 -14.79 -5.12
C SER A 93 12.79 -15.06 -6.37
N PRO A 94 13.03 -14.27 -7.44
CA PRO A 94 12.28 -14.46 -8.68
C PRO A 94 12.65 -15.77 -9.39
N LYS A 95 13.62 -16.50 -8.83
CA LYS A 95 14.04 -17.76 -9.44
C LYS A 95 13.31 -18.97 -8.86
N ILE A 96 12.48 -18.74 -7.83
CA ILE A 96 11.71 -19.81 -7.22
C ILE A 96 10.22 -19.61 -7.54
N GLU A 97 9.49 -20.69 -7.73
CA GLU A 97 8.07 -20.56 -8.04
C GLU A 97 7.14 -21.34 -7.12
N LYS A 98 7.68 -22.37 -6.46
CA LYS A 98 6.88 -23.19 -5.57
C LYS A 98 7.77 -23.82 -4.49
N PHE A 99 7.22 -23.99 -3.30
CA PHE A 99 7.97 -24.60 -2.21
C PHE A 99 7.14 -24.90 -0.98
N VAL A 100 7.69 -25.75 -0.12
CA VAL A 100 7.06 -26.11 1.13
C VAL A 100 7.79 -25.29 2.19
N PHE A 101 7.05 -24.47 2.92
CA PHE A 101 7.65 -23.60 3.93
C PHE A 101 7.51 -24.12 5.36
N THR A 102 8.61 -24.11 6.09
CA THR A 102 8.62 -24.56 7.46
C THR A 102 9.14 -23.43 8.33
N PRO A 103 8.83 -23.45 9.63
CA PRO A 103 9.30 -22.39 10.52
C PRO A 103 10.82 -22.15 10.51
N SER A 104 11.59 -23.22 10.33
CA SER A 104 13.05 -23.10 10.31
C SER A 104 13.62 -22.65 8.97
N SER A 105 12.89 -22.88 7.88
CA SER A 105 13.37 -22.45 6.58
C SER A 105 13.18 -20.95 6.43
N GLY A 106 12.48 -20.34 7.40
CA GLY A 106 12.24 -18.91 7.36
C GLY A 106 12.93 -18.17 8.49
N VAL A 107 12.78 -16.84 8.52
CA VAL A 107 13.42 -16.04 9.54
C VAL A 107 12.43 -15.22 10.36
N SER A 108 12.90 -14.71 11.51
CA SER A 108 12.06 -13.91 12.38
C SER A 108 11.94 -12.51 11.80
N LEU A 109 10.95 -11.76 12.27
CA LEU A 109 10.74 -10.41 11.78
C LEU A 109 12.03 -9.61 11.92
N GLU A 110 12.67 -9.77 13.08
CA GLU A 110 13.90 -9.04 13.37
C GLU A 110 15.02 -9.24 12.35
N VAL A 111 15.23 -10.49 11.94
CA VAL A 111 16.27 -10.79 10.97
C VAL A 111 15.88 -10.33 9.57
N LEU A 112 14.63 -10.53 9.19
CA LEU A 112 14.19 -10.08 7.87
C LEU A 112 14.56 -8.60 7.78
N LEU A 113 14.34 -7.89 8.87
CA LEU A 113 14.63 -6.46 8.97
C LEU A 113 16.04 -6.19 9.50
N GLY A 114 16.16 -6.19 10.82
CA GLY A 114 17.45 -5.94 11.46
C GLY A 114 17.29 -5.61 12.93
N MET B 1 -16.14 -2.68 4.29
CA MET B 1 -15.16 -1.72 3.72
C MET B 1 -15.71 -1.13 2.43
N TYR B 2 -14.96 -0.25 1.79
CA TYR B 2 -15.36 0.43 0.55
C TYR B 2 -16.04 1.73 0.89
N ARG B 3 -15.30 2.83 0.75
CA ARG B 3 -15.78 4.17 1.03
C ARG B 3 -16.84 4.57 0.02
N LYS B 4 -17.56 5.64 0.32
CA LYS B 4 -18.59 6.13 -0.59
C LYS B 4 -17.97 6.61 -1.90
N GLY B 5 -16.69 6.97 -1.86
CA GLY B 5 -16.01 7.44 -3.07
C GLY B 5 -15.30 6.32 -3.83
N ALA B 6 -15.65 5.09 -3.51
CA ALA B 6 -15.05 3.90 -4.11
C ALA B 6 -14.91 3.92 -5.64
N GLN B 7 -15.92 4.43 -6.35
CA GLN B 7 -15.83 4.47 -7.80
C GLN B 7 -14.70 5.39 -8.29
N ALA B 8 -14.59 6.58 -7.72
CA ALA B 8 -13.53 7.51 -8.10
C ALA B 8 -12.16 6.85 -7.88
N GLU B 9 -11.97 6.23 -6.73
CA GLU B 9 -10.72 5.55 -6.40
C GLU B 9 -10.34 4.55 -7.50
N ARG B 10 -11.30 3.71 -7.90
CA ARG B 10 -11.04 2.70 -8.92
C ARG B 10 -10.51 3.36 -10.20
N GLU B 11 -11.17 4.43 -10.62
CA GLU B 11 -10.79 5.16 -11.83
C GLU B 11 -9.33 5.63 -11.73
N LEU B 12 -8.94 6.18 -10.59
CA LEU B 12 -7.58 6.66 -10.41
C LEU B 12 -6.60 5.50 -10.49
N ILE B 13 -6.93 4.40 -9.79
CA ILE B 13 -6.05 3.23 -9.81
C ILE B 13 -5.75 2.81 -11.24
N LYS B 14 -6.73 2.95 -12.12
CA LYS B 14 -6.56 2.58 -13.52
C LYS B 14 -5.62 3.55 -14.22
N LEU B 15 -5.81 4.84 -13.97
CA LEU B 15 -4.94 5.85 -14.57
C LEU B 15 -3.48 5.59 -14.18
N LEU B 16 -3.25 5.43 -12.89
CA LEU B 16 -1.91 5.17 -12.39
C LEU B 16 -1.33 3.89 -12.97
N GLU B 17 -2.10 2.80 -12.96
CA GLU B 17 -1.62 1.55 -13.51
C GLU B 17 -1.28 1.76 -14.99
N LYS B 18 -2.10 2.55 -15.68
CA LYS B 18 -1.88 2.82 -17.10
C LYS B 18 -0.52 3.46 -17.32
N HIS B 19 0.04 4.07 -16.28
CA HIS B 19 1.35 4.72 -16.40
C HIS B 19 2.50 3.94 -15.78
N GLY B 20 2.36 2.63 -15.69
CA GLY B 20 3.43 1.79 -15.16
C GLY B 20 3.57 1.69 -13.65
N PHE B 21 2.52 2.07 -12.92
CA PHE B 21 2.57 1.99 -11.46
C PHE B 21 1.80 0.79 -10.93
N ALA B 22 2.25 0.25 -9.81
CA ALA B 22 1.56 -0.86 -9.16
C ALA B 22 0.79 -0.11 -8.06
N VAL B 23 -0.47 -0.46 -7.85
CA VAL B 23 -1.26 0.25 -6.85
C VAL B 23 -2.19 -0.64 -6.06
N VAL B 24 -2.36 -0.32 -4.78
CA VAL B 24 -3.27 -1.04 -3.91
C VAL B 24 -4.18 -0.03 -3.21
N ARG B 25 -5.43 -0.42 -3.01
CA ARG B 25 -6.38 0.42 -2.30
C ARG B 25 -6.48 -0.13 -0.89
N SER B 26 -6.51 0.75 0.11
CA SER B 26 -6.60 0.31 1.50
C SER B 26 -7.97 -0.27 1.85
N ALA B 27 -7.95 -1.36 2.62
CA ALA B 27 -9.19 -2.00 3.03
C ALA B 27 -9.77 -1.25 4.22
N GLY B 28 -8.88 -0.74 5.08
CA GLY B 28 -9.32 0.02 6.24
C GLY B 28 -9.33 1.49 5.88
N SER B 29 -9.91 2.32 6.74
CA SER B 29 -9.99 3.75 6.46
C SER B 29 -9.30 4.63 7.49
N LYS B 30 -8.17 4.18 8.02
CA LYS B 30 -7.43 4.96 9.01
C LYS B 30 -6.07 5.40 8.47
N LYS B 31 -5.74 4.95 7.26
CA LYS B 31 -4.46 5.31 6.65
C LYS B 31 -4.70 6.28 5.49
N VAL B 32 -4.36 5.85 4.29
CA VAL B 32 -4.56 6.65 3.09
C VAL B 32 -5.38 5.78 2.13
N ASP B 33 -6.03 6.39 1.14
CA ASP B 33 -6.86 5.62 0.21
C ASP B 33 -6.08 4.71 -0.72
N LEU B 34 -4.97 5.22 -1.26
CA LEU B 34 -4.15 4.45 -2.18
C LEU B 34 -2.66 4.62 -1.90
N VAL B 35 -1.90 3.59 -2.27
CA VAL B 35 -0.45 3.60 -2.15
C VAL B 35 0.07 3.06 -3.49
N ALA B 36 0.91 3.85 -4.15
CA ALA B 36 1.46 3.47 -5.46
C ALA B 36 2.97 3.51 -5.50
N GLY B 37 3.55 2.81 -6.47
CA GLY B 37 5.00 2.76 -6.60
C GLY B 37 5.39 2.21 -7.96
N ASN B 38 6.50 2.68 -8.51
CA ASN B 38 6.95 2.24 -9.82
C ASN B 38 8.45 1.90 -9.81
N GLY B 39 9.03 1.79 -8.62
CA GLY B 39 10.44 1.47 -8.54
C GLY B 39 11.31 2.70 -8.30
N LYS B 40 10.82 3.88 -8.68
CA LYS B 40 11.57 5.12 -8.50
C LYS B 40 10.81 6.10 -7.61
N LYS B 41 9.54 6.34 -7.94
CA LYS B 41 8.72 7.25 -7.15
C LYS B 41 7.66 6.47 -6.36
N TYR B 42 7.37 6.95 -5.15
CA TYR B 42 6.39 6.30 -4.28
C TYR B 42 5.32 7.32 -3.84
N LEU B 43 4.05 7.03 -4.14
CA LEU B 43 2.94 7.91 -3.80
C LEU B 43 1.97 7.36 -2.74
N CYS B 44 1.52 8.25 -1.83
CA CYS B 44 0.54 7.93 -0.79
C CYS B 44 -0.60 8.91 -1.08
N ILE B 45 -1.74 8.38 -1.52
CA ILE B 45 -2.83 9.22 -1.95
C ILE B 45 -4.18 9.23 -1.23
N GLU B 46 -4.75 10.43 -1.12
CA GLU B 46 -6.07 10.65 -0.53
C GLU B 46 -6.88 11.10 -1.72
N VAL B 47 -8.01 10.45 -1.97
CA VAL B 47 -8.84 10.77 -3.11
C VAL B 47 -10.12 11.54 -2.81
N LYS B 48 -10.38 12.57 -3.61
CA LYS B 48 -11.55 13.41 -3.47
C LYS B 48 -12.14 13.72 -4.84
N VAL B 49 -13.39 14.15 -4.86
CA VAL B 49 -14.08 14.49 -6.11
C VAL B 49 -15.07 15.60 -5.83
N THR B 50 -15.09 16.61 -6.69
CA THR B 50 -16.00 17.74 -6.48
C THR B 50 -16.51 18.34 -7.79
N LYS B 51 -17.65 19.03 -7.70
CA LYS B 51 -18.25 19.67 -8.86
C LYS B 51 -17.87 21.15 -8.94
N LYS B 52 -17.44 21.71 -7.80
CA LYS B 52 -17.06 23.11 -7.73
C LYS B 52 -15.66 23.32 -8.30
N ASP B 53 -15.16 24.55 -8.22
CA ASP B 53 -13.81 24.85 -8.72
C ASP B 53 -12.85 25.06 -7.56
N HIS B 54 -13.30 24.67 -6.36
CA HIS B 54 -12.50 24.78 -5.15
C HIS B 54 -12.99 23.72 -4.17
N LEU B 55 -12.12 23.28 -3.27
CA LEU B 55 -12.50 22.28 -2.30
C LEU B 55 -11.82 22.49 -0.95
N TYR B 56 -12.57 22.26 0.12
CA TYR B 56 -12.03 22.39 1.46
C TYR B 56 -11.80 20.99 2.03
N VAL B 57 -10.62 20.77 2.61
CA VAL B 57 -10.31 19.47 3.20
C VAL B 57 -9.88 19.68 4.65
N GLY B 58 -10.40 18.82 5.54
CA GLY B 58 -10.08 18.93 6.95
C GLY B 58 -8.66 18.64 7.37
N LYS B 59 -8.19 19.35 8.40
CA LYS B 59 -6.83 19.16 8.92
C LYS B 59 -6.56 17.70 9.28
N ARG B 60 -7.45 17.13 10.08
CA ARG B 60 -7.35 15.74 10.52
C ARG B 60 -6.89 14.83 9.40
N ASP B 61 -7.68 14.78 8.33
CA ASP B 61 -7.38 13.95 7.17
C ASP B 61 -6.02 14.25 6.57
N MET B 62 -5.73 15.52 6.33
CA MET B 62 -4.46 15.89 5.75
C MET B 62 -3.29 15.60 6.70
N GLY B 63 -3.48 15.85 7.99
CA GLY B 63 -2.42 15.56 8.93
C GLY B 63 -2.07 14.08 8.87
N ARG B 64 -3.11 13.24 8.80
CA ARG B 64 -2.95 11.80 8.73
C ARG B 64 -2.15 11.38 7.49
N LEU B 65 -2.50 11.97 6.35
CA LEU B 65 -1.80 11.68 5.09
C LEU B 65 -0.31 11.98 5.21
N ILE B 66 0.01 13.17 5.70
CA ILE B 66 1.39 13.60 5.85
C ILE B 66 2.20 12.71 6.78
N GLU B 67 1.70 12.46 7.98
CA GLU B 67 2.38 11.60 8.93
C GLU B 67 2.66 10.22 8.32
N PHE B 68 1.66 9.68 7.62
CA PHE B 68 1.80 8.36 7.00
C PHE B 68 2.86 8.36 5.90
N SER B 69 2.75 9.30 4.97
CA SER B 69 3.67 9.42 3.85
C SER B 69 5.11 9.62 4.32
N ARG B 70 5.27 10.42 5.36
CA ARG B 70 6.58 10.72 5.91
C ARG B 70 7.26 9.45 6.41
N ARG B 71 6.54 8.68 7.19
CA ARG B 71 7.07 7.44 7.74
C ARG B 71 7.26 6.36 6.68
N PHE B 72 6.33 6.30 5.74
CA PHE B 72 6.37 5.30 4.66
C PHE B 72 7.51 5.53 3.65
N GLY B 73 7.75 6.78 3.29
CA GLY B 73 8.78 7.07 2.30
C GLY B 73 8.08 7.30 0.97
N GLY B 74 7.00 8.06 1.02
CA GLY B 74 6.24 8.36 -0.18
C GLY B 74 5.83 9.83 -0.18
N ILE B 75 5.41 10.33 -1.35
CA ILE B 75 4.99 11.71 -1.44
C ILE B 75 3.52 11.85 -1.05
N PRO B 76 3.22 12.74 -0.09
CA PRO B 76 1.84 12.96 0.36
C PRO B 76 1.04 13.70 -0.71
N VAL B 77 0.17 12.98 -1.41
CA VAL B 77 -0.62 13.56 -2.49
C VAL B 77 -2.13 13.56 -2.32
N LEU B 78 -2.74 14.71 -2.57
CA LEU B 78 -4.18 14.84 -2.52
C LEU B 78 -4.59 14.86 -3.99
N ALA B 79 -5.43 13.91 -4.37
CA ALA B 79 -5.90 13.82 -5.76
C ALA B 79 -7.35 14.29 -5.84
N VAL B 80 -7.57 15.39 -6.56
CA VAL B 80 -8.91 15.91 -6.67
C VAL B 80 -9.44 15.89 -8.10
N LYS B 81 -10.61 15.29 -8.26
CA LYS B 81 -11.26 15.19 -9.55
C LYS B 81 -12.29 16.31 -9.66
N PHE B 82 -11.88 17.45 -10.22
CA PHE B 82 -12.82 18.54 -10.38
C PHE B 82 -13.64 18.15 -11.60
N LEU B 83 -14.92 17.85 -11.38
CA LEU B 83 -15.82 17.41 -12.45
C LEU B 83 -16.02 18.42 -13.57
N ASN B 84 -14.92 18.84 -14.19
CA ASN B 84 -14.98 19.78 -15.30
C ASN B 84 -13.59 19.98 -15.89
N VAL B 85 -12.61 20.20 -15.03
CA VAL B 85 -11.23 20.39 -15.50
C VAL B 85 -10.45 19.09 -15.55
N GLY B 86 -10.70 18.20 -14.59
CA GLY B 86 -9.99 16.93 -14.57
C GLY B 86 -9.19 16.72 -13.30
N TRP B 87 -8.47 15.61 -13.24
CA TRP B 87 -7.66 15.28 -12.07
C TRP B 87 -6.51 16.25 -11.84
N ARG B 88 -6.40 16.72 -10.60
CA ARG B 88 -5.33 17.62 -10.19
C ARG B 88 -4.67 17.01 -8.98
N PHE B 89 -3.33 16.99 -8.99
CA PHE B 89 -2.55 16.41 -7.91
C PHE B 89 -1.77 17.45 -7.12
N ILE B 90 -2.01 17.48 -5.82
CA ILE B 90 -1.37 18.43 -4.94
C ILE B 90 -0.51 17.77 -3.86
N GLU B 91 0.77 18.10 -3.81
CA GLU B 91 1.63 17.56 -2.79
C GLU B 91 1.45 18.48 -1.59
N VAL B 92 0.85 17.98 -0.52
CA VAL B 92 0.61 18.78 0.67
C VAL B 92 1.79 18.86 1.63
N SER B 93 1.86 19.95 2.38
CA SER B 93 2.94 20.17 3.35
C SER B 93 2.39 20.40 4.74
N PRO B 94 3.15 20.01 5.78
CA PRO B 94 2.67 20.21 7.15
C PRO B 94 2.73 21.70 7.53
N LYS B 95 3.30 22.52 6.65
CA LYS B 95 3.39 23.96 6.90
C LYS B 95 2.04 24.62 6.62
N ILE B 96 1.18 23.93 5.89
CA ILE B 96 -0.12 24.47 5.53
C ILE B 96 -1.08 24.55 6.73
N GLU B 97 -1.75 25.69 6.88
CA GLU B 97 -2.69 25.91 7.97
C GLU B 97 -4.11 25.49 7.61
N LYS B 98 -4.61 25.96 6.48
CA LYS B 98 -5.94 25.58 6.01
C LYS B 98 -5.81 24.92 4.64
N PHE B 99 -6.32 23.69 4.55
CA PHE B 99 -6.24 22.92 3.33
C PHE B 99 -7.40 23.14 2.39
N VAL B 100 -7.36 24.23 1.63
CA VAL B 100 -8.40 24.54 0.68
C VAL B 100 -7.66 24.76 -0.64
N PHE B 101 -8.16 24.16 -1.72
CA PHE B 101 -7.47 24.27 -3.01
C PHE B 101 -8.31 24.49 -4.26
N THR B 102 -7.62 24.86 -5.33
CA THR B 102 -8.21 25.08 -6.65
C THR B 102 -7.28 24.27 -7.57
N PRO B 103 -7.66 24.07 -8.84
CA PRO B 103 -6.76 23.30 -9.71
C PRO B 103 -5.32 23.84 -9.82
N SER B 104 -5.17 25.15 -9.92
CA SER B 104 -3.85 25.76 -10.05
C SER B 104 -2.92 25.40 -8.90
N SER B 105 -3.49 24.86 -7.82
CA SER B 105 -2.71 24.45 -6.66
C SER B 105 -1.97 23.16 -6.99
N GLY B 106 -2.50 22.42 -7.96
CA GLY B 106 -1.87 21.17 -8.33
C GLY B 106 -1.37 21.10 -9.76
N VAL B 107 -0.99 19.89 -10.17
CA VAL B 107 -0.49 19.64 -11.51
C VAL B 107 -1.19 18.42 -12.11
N SER B 108 -0.93 18.14 -13.39
CA SER B 108 -1.53 17.00 -14.07
C SER B 108 -0.80 15.71 -13.73
N LEU B 109 -1.43 14.58 -14.03
CA LEU B 109 -0.84 13.28 -13.74
C LEU B 109 0.54 13.19 -14.37
N GLU B 110 0.63 13.57 -15.65
CA GLU B 110 1.89 13.53 -16.37
C GLU B 110 2.93 14.39 -15.66
N VAL B 111 2.62 15.67 -15.50
CA VAL B 111 3.53 16.59 -14.83
C VAL B 111 4.05 15.99 -13.52
N LEU B 112 3.16 15.30 -12.81
CA LEU B 112 3.53 14.68 -11.54
C LEU B 112 4.61 13.62 -11.74
N LEU B 113 5.14 13.53 -12.97
CA LEU B 113 6.19 12.57 -13.29
C LEU B 113 7.15 12.41 -12.12
N GLY B 114 7.78 13.52 -11.75
CA GLY B 114 8.71 13.53 -10.64
C GLY B 114 8.85 14.90 -10.01
#